data_4N6K
#
_entry.id   4N6K
#
_cell.length_a   83.024
_cell.length_b   54.182
_cell.length_c   73.508
_cell.angle_alpha   90.000
_cell.angle_beta   104.980
_cell.angle_gamma   90.000
#
_symmetry.space_group_name_H-M   'C 1 2 1'
#
loop_
_entity.id
_entity.type
_entity.pdbx_description
1 polymer 'TRAP dicarboxylate transporter-DctP subunit'
2 non-polymer 'bis[(2S)-2,3-dihydroxypropyl] hydrogen phosphate'
3 water water
#
_entity_poly.entity_id   1
_entity_poly.type   'polypeptide(L)'
_entity_poly.pdbx_seq_one_letter_code
;MSFKKTFSVLCAGAVLILSMSTICMADDYKLTLKLSHVFSPAEQLSKSMDAVAESIYEKTDGAINIQTFPQAQLPAYKEG
VEQVVRGAKFISVEDPSFIGDYVPDFKALYAPMLYRSFDEYVNLTQSDLVKKMQAEAEKQGIKILALDYIYGFRNLITQK
VIKTPADLKGMKIRTPGSKSYIDTLTAMGAVATPLPWGETLSAVQQGVVDGLEGSEFTNIGTKVYEGPTKNVANTRHILG
TCGVYISTKVWNDIPAKYQKIIQDEFTNGANHMVNLLKSQHGGVVKELESYGVKFNEVDGDAFRAALKPLYKEQKGMTPG
IYQSIFKELDAMRAENLYFQGHHHHHHHHHH
;
_entity_poly.pdbx_strand_id   A
#
loop_
_chem_comp.id
_chem_comp.type
_chem_comp.name
_chem_comp.formula
X3X non-polymer 'bis[(2S)-2,3-dihydroxypropyl] hydrogen phosphate' 'C6 H15 O8 P'
#
# COMPACT_ATOMS: atom_id res chain seq x y z
N TYR A 29 -19.64 7.72 -26.53
CA TYR A 29 -19.27 8.02 -25.16
C TYR A 29 -17.78 8.25 -25.01
N LYS A 30 -17.41 9.30 -24.28
CA LYS A 30 -16.01 9.60 -24.02
C LYS A 30 -15.85 10.06 -22.57
N LEU A 31 -14.82 9.55 -21.91
CA LEU A 31 -14.47 9.98 -20.56
C LEU A 31 -12.97 9.99 -20.43
N THR A 32 -12.45 11.09 -19.91
CA THR A 32 -11.03 11.21 -19.64
C THR A 32 -10.85 11.33 -18.13
N LEU A 33 -9.93 10.54 -17.57
CA LEU A 33 -9.70 10.47 -16.12
C LEU A 33 -8.24 10.70 -15.83
N LYS A 34 -7.95 11.47 -14.78
CA LYS A 34 -6.57 11.68 -14.34
C LYS A 34 -6.26 10.74 -13.19
N LEU A 35 -5.25 9.88 -13.36
CA LEU A 35 -4.86 8.92 -12.34
C LEU A 35 -3.57 9.40 -11.67
N SER A 36 -3.63 9.52 -10.35
CA SER A 36 -2.53 10.08 -9.57
C SER A 36 -2.03 9.11 -8.52
N HIS A 37 -0.70 8.97 -8.44
CA HIS A 37 -0.05 8.21 -7.38
C HIS A 37 1.31 8.83 -7.12
N VAL A 38 2.02 8.33 -6.11
CA VAL A 38 3.24 8.96 -5.62
C VAL A 38 4.51 8.30 -6.11
N PHE A 39 4.37 7.16 -6.80
CA PHE A 39 5.50 6.30 -7.19
C PHE A 39 6.29 6.85 -8.38
N SER A 40 7.48 6.30 -8.53
N SER A 40 7.51 6.33 -8.53
CA SER A 40 8.44 6.73 -9.54
CA SER A 40 8.43 6.79 -9.55
C SER A 40 8.33 5.85 -10.78
C SER A 40 8.39 5.86 -10.76
N PRO A 41 8.73 6.38 -11.94
CA PRO A 41 8.60 5.58 -13.17
C PRO A 41 9.25 4.19 -13.14
N ALA A 42 10.34 4.03 -12.41
CA ALA A 42 11.05 2.74 -12.37
C ALA A 42 10.31 1.70 -11.55
N GLU A 43 9.34 2.13 -10.75
CA GLU A 43 8.64 1.21 -9.87
C GLU A 43 7.49 0.52 -10.59
N GLN A 44 7.31 -0.76 -10.28
CA GLN A 44 6.27 -1.54 -10.94
C GLN A 44 4.87 -0.94 -10.74
N LEU A 45 4.60 -0.31 -9.59
CA LEU A 45 3.27 0.27 -9.40
C LEU A 45 2.98 1.21 -10.58
N SER A 46 3.95 2.06 -10.90
CA SER A 46 3.80 3.03 -11.98
C SER A 46 3.62 2.33 -13.33
N LYS A 47 4.45 1.33 -13.59
CA LYS A 47 4.38 0.58 -14.83
C LYS A 47 3.05 -0.14 -14.99
N SER A 48 2.55 -0.71 -13.89
CA SER A 48 1.25 -1.38 -13.89
C SER A 48 0.10 -0.42 -14.14
N MET A 49 0.13 0.77 -13.56
CA MET A 49 -0.91 1.73 -13.83
C MET A 49 -0.90 2.13 -15.32
N ASP A 50 0.28 2.35 -15.88
CA ASP A 50 0.39 2.67 -17.31
C ASP A 50 -0.19 1.54 -18.16
N ALA A 51 0.15 0.31 -17.83
CA ALA A 51 -0.29 -0.85 -18.60
C ALA A 51 -1.80 -1.03 -18.55
N VAL A 52 -2.37 -0.84 -17.37
CA VAL A 52 -3.80 -1.00 -17.20
C VAL A 52 -4.54 0.13 -17.93
N ALA A 53 -4.05 1.35 -17.78
CA ALA A 53 -4.64 2.48 -18.48
C ALA A 53 -4.62 2.26 -19.99
N GLU A 54 -3.49 1.79 -20.51
CA GLU A 54 -3.37 1.57 -21.95
C GLU A 54 -4.33 0.47 -22.40
N SER A 55 -4.37 -0.62 -21.63
CA SER A 55 -5.25 -1.75 -21.92
C SER A 55 -6.71 -1.30 -21.97
N ILE A 56 -7.12 -0.51 -20.98
CA ILE A 56 -8.50 -0.03 -20.94
C ILE A 56 -8.80 0.87 -22.14
N TYR A 57 -7.87 1.75 -22.49
CA TYR A 57 -8.05 2.61 -23.65
C TYR A 57 -8.29 1.76 -24.89
N GLU A 58 -7.42 0.79 -25.11
CA GLU A 58 -7.49 -0.06 -26.28
C GLU A 58 -8.77 -0.87 -26.30
N LYS A 59 -9.12 -1.48 -25.18
N LYS A 59 -9.13 -1.47 -25.18
CA LYS A 59 -10.24 -2.39 -25.12
CA LYS A 59 -10.25 -2.39 -25.12
C LYS A 59 -11.59 -1.68 -25.12
C LYS A 59 -11.60 -1.69 -25.04
N THR A 60 -11.58 -0.37 -24.89
CA THR A 60 -12.80 0.43 -24.94
C THR A 60 -12.84 1.26 -26.22
N ASP A 61 -11.90 0.98 -27.11
N ASP A 61 -11.96 0.95 -27.17
CA ASP A 61 -11.85 1.64 -28.42
CA ASP A 61 -11.86 1.70 -28.43
C ASP A 61 -11.69 3.16 -28.24
C ASP A 61 -11.79 3.19 -28.15
N GLY A 62 -10.96 3.56 -27.19
CA GLY A 62 -10.70 4.95 -26.91
C GLY A 62 -11.76 5.67 -26.09
N ALA A 63 -12.81 4.98 -25.67
CA ALA A 63 -13.90 5.62 -24.95
C ALA A 63 -13.51 6.01 -23.52
N ILE A 64 -12.66 5.21 -22.89
CA ILE A 64 -12.21 5.49 -21.52
C ILE A 64 -10.73 5.77 -21.62
N ASN A 65 -10.36 7.02 -21.31
CA ASN A 65 -8.99 7.46 -21.44
C ASN A 65 -8.43 7.87 -20.08
N ILE A 66 -7.75 6.92 -19.44
CA ILE A 66 -7.10 7.16 -18.17
C ILE A 66 -5.67 7.59 -18.46
N GLN A 67 -5.33 8.78 -18.00
CA GLN A 67 -4.00 9.36 -18.18
C GLN A 67 -3.32 9.27 -16.82
N THR A 68 -2.07 8.82 -16.80
CA THR A 68 -1.37 8.61 -15.54
C THR A 68 -0.37 9.72 -15.20
N PHE A 69 -0.25 10.00 -13.90
CA PHE A 69 0.58 11.08 -13.40
C PHE A 69 1.33 10.59 -12.17
N PRO A 70 2.58 10.15 -12.38
CA PRO A 70 3.37 9.62 -11.28
C PRO A 70 3.96 10.72 -10.41
N GLN A 71 4.61 10.30 -9.33
CA GLN A 71 5.45 11.15 -8.49
C GLN A 71 4.75 12.34 -7.85
N ALA A 72 3.46 12.17 -7.56
CA ALA A 72 2.73 13.18 -6.82
C ALA A 72 2.82 14.55 -7.46
N GLN A 73 2.77 14.57 -8.78
CA GLN A 73 2.63 15.84 -9.50
C GLN A 73 1.21 16.38 -9.50
N LEU A 74 0.25 15.49 -9.25
CA LEU A 74 -1.16 15.83 -9.03
C LEU A 74 -1.47 15.57 -7.54
N PRO A 75 -2.64 16.03 -7.08
CA PRO A 75 -3.05 15.68 -5.71
C PRO A 75 -2.84 14.20 -5.43
N ALA A 76 -2.23 13.89 -4.30
CA ALA A 76 -1.91 12.52 -3.94
C ALA A 76 -2.03 12.36 -2.44
N TYR A 77 -1.74 11.15 -1.95
CA TYR A 77 -2.04 10.81 -0.58
C TYR A 77 -3.49 11.23 -0.28
N LYS A 78 -3.78 11.84 0.88
CA LYS A 78 -5.16 12.13 1.19
C LYS A 78 -5.76 13.17 0.24
N GLU A 79 -4.92 14.03 -0.32
CA GLU A 79 -5.40 15.03 -1.26
C GLU A 79 -5.94 14.37 -2.54
N GLY A 80 -5.36 13.24 -2.94
CA GLY A 80 -5.86 12.50 -4.08
C GLY A 80 -7.20 11.85 -3.75
N VAL A 81 -7.31 11.24 -2.59
CA VAL A 81 -8.57 10.62 -2.17
C VAL A 81 -9.65 11.70 -2.06
N GLU A 82 -9.27 12.89 -1.62
CA GLU A 82 -10.23 13.97 -1.53
C GLU A 82 -10.85 14.32 -2.90
N GLN A 83 -10.04 14.30 -3.96
CA GLN A 83 -10.58 14.55 -5.29
C GLN A 83 -11.64 13.49 -5.65
N VAL A 84 -11.38 12.24 -5.30
CA VAL A 84 -12.33 11.17 -5.51
C VAL A 84 -13.63 11.42 -4.74
N VAL A 85 -13.52 11.75 -3.46
CA VAL A 85 -14.73 11.99 -2.69
C VAL A 85 -15.52 13.15 -3.30
N ARG A 86 -14.82 14.18 -3.75
N ARG A 86 -14.82 14.17 -3.79
CA ARG A 86 -15.43 15.37 -4.35
CA ARG A 86 -15.46 15.36 -4.36
C ARG A 86 -16.16 15.08 -5.66
C ARG A 86 -15.90 15.20 -5.81
N GLY A 87 -15.85 13.97 -6.33
CA GLY A 87 -16.46 13.68 -7.61
C GLY A 87 -15.69 14.12 -8.84
N ALA A 88 -14.39 14.34 -8.71
CA ALA A 88 -13.56 14.73 -9.84
C ALA A 88 -13.38 13.57 -10.81
N LYS A 89 -13.03 13.89 -12.05
CA LYS A 89 -12.71 12.88 -13.06
C LYS A 89 -11.29 12.40 -12.80
N PHE A 90 -11.17 11.54 -11.81
CA PHE A 90 -9.90 11.33 -11.13
C PHE A 90 -9.88 9.91 -10.57
N ILE A 91 -8.73 9.26 -10.64
CA ILE A 91 -8.52 7.98 -9.98
C ILE A 91 -7.35 8.17 -9.03
N SER A 92 -7.58 7.88 -7.76
CA SER A 92 -6.53 7.92 -6.78
C SER A 92 -6.02 6.51 -6.50
N VAL A 93 -4.71 6.34 -6.47
CA VAL A 93 -4.10 5.05 -6.22
C VAL A 93 -3.18 5.21 -5.02
N GLU A 94 -3.64 4.75 -3.87
CA GLU A 94 -3.00 4.96 -2.57
C GLU A 94 -3.31 3.78 -1.69
N ASP A 95 -2.49 3.57 -0.66
CA ASP A 95 -2.81 2.47 0.25
C ASP A 95 -4.11 2.72 1.00
N PRO A 96 -4.74 1.65 1.50
CA PRO A 96 -6.05 1.80 2.12
C PRO A 96 -6.07 2.68 3.35
N SER A 97 -4.93 2.93 3.99
CA SER A 97 -4.97 3.83 5.13
C SER A 97 -5.43 5.22 4.71
N PHE A 98 -5.27 5.57 3.44
CA PHE A 98 -5.65 6.89 2.94
C PHE A 98 -7.13 7.02 2.66
N ILE A 99 -7.89 5.92 2.75
CA ILE A 99 -9.34 6.04 2.77
C ILE A 99 -9.93 5.80 4.16
N GLY A 100 -9.08 5.52 5.14
CA GLY A 100 -9.57 5.17 6.46
C GLY A 100 -10.28 6.28 7.21
N ASP A 101 -10.00 7.55 6.91
CA ASP A 101 -10.69 8.63 7.57
C ASP A 101 -12.15 8.70 7.09
N TYR A 102 -12.38 8.20 5.88
CA TYR A 102 -13.72 8.22 5.30
C TYR A 102 -14.46 6.91 5.63
N VAL A 103 -13.71 5.81 5.66
CA VAL A 103 -14.25 4.49 5.90
C VAL A 103 -13.38 3.73 6.91
N PRO A 104 -13.68 3.87 8.22
CA PRO A 104 -12.73 3.44 9.25
C PRO A 104 -12.36 1.95 9.23
N ASP A 105 -13.23 1.07 8.76
CA ASP A 105 -12.88 -0.34 8.69
C ASP A 105 -11.59 -0.57 7.89
N PHE A 106 -11.26 0.33 6.96
CA PHE A 106 -10.03 0.15 6.19
C PHE A 106 -8.77 0.34 7.02
N LYS A 107 -8.89 1.04 8.14
CA LYS A 107 -7.80 1.10 9.10
C LYS A 107 -7.50 -0.30 9.63
N ALA A 108 -8.54 -1.09 9.87
CA ALA A 108 -8.33 -2.47 10.35
C ALA A 108 -7.74 -3.37 9.26
N LEU A 109 -8.16 -3.17 8.02
CA LEU A 109 -7.62 -3.95 6.93
C LEU A 109 -6.12 -3.66 6.74
N TYR A 110 -5.69 -2.46 7.10
CA TYR A 110 -4.29 -2.03 6.93
C TYR A 110 -3.54 -2.06 8.25
N ALA A 111 -4.01 -2.86 9.18
CA ALA A 111 -3.34 -2.98 10.47
C ALA A 111 -1.99 -3.69 10.32
N PRO A 112 -1.10 -3.50 11.29
CA PRO A 112 0.25 -4.03 11.14
C PRO A 112 0.34 -5.51 11.53
N MET A 113 1.28 -6.20 10.91
CA MET A 113 1.58 -7.61 11.21
C MET A 113 0.33 -8.50 11.17
N LEU A 114 -0.53 -8.25 10.19
CA LEU A 114 -1.69 -9.11 9.93
C LEU A 114 -1.32 -10.23 8.96
N TYR A 115 -0.67 -9.89 7.86
CA TYR A 115 -0.53 -10.80 6.72
C TYR A 115 0.83 -11.45 6.66
N ARG A 116 0.84 -12.75 6.41
CA ARG A 116 2.08 -13.51 6.33
C ARG A 116 2.58 -13.71 4.92
N SER A 117 1.73 -13.43 3.93
CA SER A 117 2.12 -13.60 2.53
C SER A 117 1.24 -12.69 1.68
N PHE A 118 1.68 -12.42 0.46
CA PHE A 118 0.85 -11.69 -0.48
C PHE A 118 -0.48 -12.42 -0.69
N ASP A 119 -0.42 -13.74 -0.86
CA ASP A 119 -1.60 -14.55 -1.14
C ASP A 119 -2.66 -14.46 -0.04
N GLU A 120 -2.26 -14.42 1.22
CA GLU A 120 -3.22 -14.29 2.32
C GLU A 120 -4.04 -13.03 2.11
N TYR A 121 -3.36 -11.93 1.82
CA TYR A 121 -4.04 -10.67 1.69
C TYR A 121 -4.95 -10.68 0.46
N VAL A 122 -4.46 -11.19 -0.66
CA VAL A 122 -5.31 -11.29 -1.85
C VAL A 122 -6.57 -12.08 -1.52
N ASN A 123 -6.39 -13.23 -0.86
CA ASN A 123 -7.53 -14.02 -0.46
C ASN A 123 -8.50 -13.25 0.41
N LEU A 124 -8.01 -12.51 1.39
CA LEU A 124 -8.89 -11.74 2.23
C LEU A 124 -9.64 -10.68 1.41
N THR A 125 -8.98 -10.05 0.44
CA THR A 125 -9.67 -9.04 -0.35
C THR A 125 -10.80 -9.60 -1.19
N GLN A 126 -10.83 -10.92 -1.38
CA GLN A 126 -11.89 -11.60 -2.15
C GLN A 126 -13.03 -12.09 -1.24
N SER A 127 -12.90 -11.88 0.07
CA SER A 127 -13.89 -12.40 1.02
C SER A 127 -15.15 -11.54 1.07
N ASP A 128 -16.24 -12.12 1.54
CA ASP A 128 -17.48 -11.39 1.73
C ASP A 128 -17.26 -10.24 2.70
N LEU A 129 -16.39 -10.44 3.68
CA LEU A 129 -16.06 -9.41 4.64
C LEU A 129 -15.56 -8.14 3.95
N VAL A 130 -14.60 -8.30 3.04
CA VAL A 130 -14.06 -7.14 2.34
C VAL A 130 -15.07 -6.59 1.33
N LYS A 131 -15.91 -7.44 0.75
CA LYS A 131 -16.97 -6.92 -0.12
C LYS A 131 -17.89 -6.00 0.68
N LYS A 132 -18.19 -6.37 1.93
CA LYS A 132 -19.01 -5.51 2.77
C LYS A 132 -18.29 -4.17 3.03
N MET A 133 -16.98 -4.22 3.25
CA MET A 133 -16.23 -2.99 3.42
C MET A 133 -16.28 -2.12 2.17
N GLN A 134 -16.18 -2.74 0.99
CA GLN A 134 -16.30 -1.99 -0.24
C GLN A 134 -17.65 -1.32 -0.37
N ALA A 135 -18.72 -1.99 0.08
CA ALA A 135 -20.04 -1.38 0.06
C ALA A 135 -20.09 -0.17 1.01
N GLU A 136 -19.42 -0.24 2.15
CA GLU A 136 -19.32 0.90 3.05
C GLU A 136 -18.64 2.08 2.34
N ALA A 137 -17.56 1.79 1.61
CA ALA A 137 -16.87 2.83 0.86
C ALA A 137 -17.79 3.46 -0.18
N GLU A 138 -18.60 2.66 -0.88
CA GLU A 138 -19.51 3.21 -1.88
C GLU A 138 -20.50 4.17 -1.24
N LYS A 139 -20.97 3.87 -0.04
CA LYS A 139 -21.88 4.78 0.67
C LYS A 139 -21.24 6.12 0.99
N GLN A 140 -19.91 6.14 1.10
CA GLN A 140 -19.15 7.36 1.33
C GLN A 140 -18.68 8.00 0.03
N GLY A 141 -19.12 7.48 -1.10
CA GLY A 141 -18.79 8.07 -2.38
C GLY A 141 -17.51 7.56 -3.03
N ILE A 142 -16.94 6.48 -2.49
CA ILE A 142 -15.71 5.91 -3.01
C ILE A 142 -15.96 4.54 -3.59
N LYS A 143 -15.80 4.41 -4.91
CA LYS A 143 -15.85 3.13 -5.59
C LYS A 143 -14.45 2.55 -5.61
N ILE A 144 -14.30 1.38 -5.01
CA ILE A 144 -13.00 0.70 -4.94
C ILE A 144 -12.92 -0.30 -6.06
N LEU A 145 -11.96 -0.14 -6.95
CA LEU A 145 -11.74 -1.04 -8.08
C LEU A 145 -10.75 -2.18 -7.79
N ALA A 146 -9.90 -1.98 -6.79
CA ALA A 146 -8.93 -2.98 -6.37
C ALA A 146 -8.35 -2.54 -5.04
N LEU A 147 -7.85 -3.51 -4.28
CA LEU A 147 -7.19 -3.25 -3.00
C LEU A 147 -5.80 -3.87 -2.94
N ASP A 148 -5.41 -4.60 -3.99
CA ASP A 148 -4.26 -5.51 -3.93
C ASP A 148 -3.22 -5.26 -5.03
N TYR A 149 -2.97 -3.99 -5.35
CA TYR A 149 -1.73 -3.64 -6.06
C TYR A 149 -0.59 -3.66 -5.04
N ILE A 150 -0.17 -4.88 -4.70
CA ILE A 150 0.82 -5.08 -3.65
C ILE A 150 2.20 -4.65 -4.13
N TYR A 151 2.84 -3.75 -3.38
CA TYR A 151 4.21 -3.31 -3.72
C TYR A 151 5.24 -3.82 -2.70
N GLY A 152 4.79 -4.62 -1.74
CA GLY A 152 5.68 -5.42 -0.91
C GLY A 152 5.56 -5.19 0.57
N PHE A 153 6.09 -6.14 1.34
CA PHE A 153 6.19 -5.97 2.79
C PHE A 153 7.12 -4.81 3.08
N ARG A 154 6.69 -3.91 3.98
CA ARG A 154 7.49 -2.75 4.34
C ARG A 154 8.37 -3.15 5.52
N ASN A 155 9.67 -2.85 5.37
CA ASN A 155 10.73 -3.19 6.31
C ASN A 155 11.44 -1.92 6.75
N LEU A 156 12.09 -1.97 7.92
CA LEU A 156 12.86 -0.83 8.39
C LEU A 156 14.13 -0.65 7.55
N ILE A 157 14.44 0.59 7.20
CA ILE A 157 15.62 0.91 6.42
C ILE A 157 16.40 2.00 7.16
N THR A 158 17.55 1.63 7.71
CA THR A 158 18.31 2.49 8.60
C THR A 158 19.79 2.27 8.39
N GLN A 159 20.60 2.82 9.29
CA GLN A 159 22.04 2.53 9.30
C GLN A 159 22.43 1.58 10.42
N LYS A 160 21.44 0.94 11.03
CA LYS A 160 21.68 0.11 12.21
C LYS A 160 21.15 -1.30 12.02
N VAL A 161 21.62 -2.22 12.85
CA VAL A 161 21.04 -3.54 12.94
C VAL A 161 19.95 -3.49 14.01
N ILE A 162 18.71 -3.54 13.56
N ILE A 162 18.71 -3.51 13.55
CA ILE A 162 17.57 -3.46 14.46
CA ILE A 162 17.54 -3.45 14.43
C ILE A 162 16.90 -4.81 14.57
C ILE A 162 16.93 -4.84 14.56
N LYS A 163 16.80 -5.32 15.79
CA LYS A 163 16.20 -6.62 16.04
C LYS A 163 14.98 -6.59 16.97
N THR A 164 14.86 -5.53 17.77
CA THR A 164 13.82 -5.47 18.79
C THR A 164 13.34 -4.03 18.93
N PRO A 165 12.12 -3.83 19.48
CA PRO A 165 11.66 -2.46 19.65
C PRO A 165 12.62 -1.56 20.41
N ALA A 166 13.32 -2.10 21.41
CA ALA A 166 14.27 -1.30 22.16
C ALA A 166 15.33 -0.67 21.24
N ASP A 167 15.70 -1.37 20.17
CA ASP A 167 16.74 -0.87 19.27
C ASP A 167 16.33 0.42 18.55
N LEU A 168 15.03 0.70 18.47
CA LEU A 168 14.53 1.88 17.76
C LEU A 168 14.48 3.13 18.63
N LYS A 169 14.91 3.03 19.89
CA LYS A 169 14.77 4.15 20.81
C LYS A 169 15.43 5.42 20.27
N GLY A 170 14.64 6.49 20.12
CA GLY A 170 15.16 7.79 19.73
C GLY A 170 15.36 7.93 18.23
N MET A 171 15.11 6.87 17.49
N MET A 171 15.11 6.85 17.49
CA MET A 171 15.31 6.91 16.05
CA MET A 171 15.29 6.85 16.04
C MET A 171 14.10 7.50 15.35
C MET A 171 14.09 7.50 15.35
N LYS A 172 14.36 8.56 14.61
CA LYS A 172 13.33 9.21 13.83
C LYS A 172 13.19 8.45 12.52
N ILE A 173 12.02 7.85 12.32
CA ILE A 173 11.76 7.05 11.15
C ILE A 173 10.65 7.72 10.35
N ARG A 174 10.96 8.12 9.12
CA ARG A 174 9.92 8.65 8.26
C ARG A 174 8.87 7.60 7.99
N THR A 175 7.62 8.03 7.98
CA THR A 175 6.49 7.24 7.49
C THR A 175 5.61 8.12 6.62
N PRO A 176 4.73 7.52 5.82
CA PRO A 176 3.70 8.34 5.16
C PRO A 176 2.79 8.98 6.20
N GLY A 177 2.04 9.99 5.76
CA GLY A 177 1.22 10.80 6.64
C GLY A 177 -0.18 10.23 6.82
N SER A 178 -0.31 9.09 7.50
CA SER A 178 -1.61 8.63 7.96
C SER A 178 -1.43 8.03 9.35
N LYS A 179 -2.54 7.99 10.08
CA LYS A 179 -2.54 7.50 11.45
C LYS A 179 -2.05 6.04 11.52
N SER A 180 -2.39 5.22 10.53
CA SER A 180 -1.98 3.82 10.52
C SER A 180 -0.47 3.72 10.65
N TYR A 181 0.25 4.50 9.85
CA TYR A 181 1.70 4.42 9.88
C TYR A 181 2.28 5.05 11.15
N ILE A 182 1.74 6.20 11.52
CA ILE A 182 2.26 6.90 12.69
C ILE A 182 2.12 6.00 13.92
N ASP A 183 0.94 5.40 14.08
CA ASP A 183 0.70 4.54 15.22
C ASP A 183 1.57 3.29 15.21
N THR A 184 1.77 2.71 14.03
CA THR A 184 2.57 1.49 13.89
C THR A 184 4.02 1.76 14.28
N LEU A 185 4.65 2.80 13.72
CA LEU A 185 6.06 3.04 14.02
C LEU A 185 6.25 3.51 15.45
N THR A 186 5.29 4.24 15.99
CA THR A 186 5.32 4.65 17.39
C THR A 186 5.31 3.40 18.30
N ALA A 187 4.37 2.49 18.05
CA ALA A 187 4.27 1.28 18.87
C ALA A 187 5.51 0.40 18.73
N MET A 188 6.12 0.40 17.55
CA MET A 188 7.35 -0.34 17.32
C MET A 188 8.55 0.22 18.08
N GLY A 189 8.44 1.44 18.59
CA GLY A 189 9.48 2.02 19.43
C GLY A 189 10.23 3.20 18.84
N ALA A 190 9.82 3.65 17.65
CA ALA A 190 10.50 4.74 16.95
C ALA A 190 9.82 6.06 17.19
N VAL A 191 10.49 7.13 16.76
CA VAL A 191 9.89 8.45 16.67
C VAL A 191 9.32 8.59 15.25
N ALA A 192 8.02 8.36 15.09
CA ALA A 192 7.43 8.42 13.76
C ALA A 192 7.47 9.86 13.24
N THR A 193 7.91 10.04 12.00
CA THR A 193 7.99 11.37 11.39
C THR A 193 7.23 11.33 10.07
N PRO A 194 5.94 11.69 10.09
CA PRO A 194 5.11 11.56 8.90
C PRO A 194 5.47 12.62 7.85
N LEU A 195 5.87 12.17 6.66
CA LEU A 195 6.28 13.08 5.59
C LEU A 195 5.86 12.48 4.28
N PRO A 196 5.46 13.31 3.31
CA PRO A 196 5.28 12.80 1.95
C PRO A 196 6.62 12.32 1.38
N TRP A 197 6.57 11.43 0.41
CA TRP A 197 7.78 10.89 -0.18
C TRP A 197 8.71 11.97 -0.66
N GLY A 198 8.17 13.04 -1.25
CA GLY A 198 9.01 14.10 -1.78
C GLY A 198 9.88 14.79 -0.77
N GLU A 199 9.48 14.75 0.51
CA GLU A 199 10.24 15.37 1.61
C GLU A 199 11.15 14.38 2.34
N THR A 200 11.32 13.18 1.78
CA THR A 200 11.91 12.06 2.51
C THR A 200 13.41 11.82 2.26
N LEU A 201 13.82 11.58 1.01
CA LEU A 201 15.17 11.07 0.79
C LEU A 201 16.27 12.04 1.19
N SER A 202 16.07 13.32 0.90
N SER A 202 16.08 13.32 0.89
CA SER A 202 17.05 14.32 1.30
CA SER A 202 17.05 14.33 1.31
C SER A 202 17.04 14.46 2.82
C SER A 202 17.04 14.45 2.83
N ALA A 203 15.88 14.29 3.44
CA ALA A 203 15.79 14.30 4.90
C ALA A 203 16.62 13.16 5.51
N VAL A 204 16.55 11.98 4.90
CA VAL A 204 17.35 10.85 5.34
C VAL A 204 18.85 11.16 5.16
N GLN A 205 19.22 11.65 3.98
CA GLN A 205 20.60 12.01 3.69
C GLN A 205 21.18 13.00 4.72
N GLN A 206 20.36 13.94 5.16
CA GLN A 206 20.81 15.01 6.04
C GLN A 206 20.65 14.69 7.53
N GLY A 207 20.08 13.52 7.85
CA GLY A 207 19.90 13.15 9.24
C GLY A 207 18.73 13.84 9.93
N VAL A 208 17.86 14.51 9.16
CA VAL A 208 16.63 15.06 9.71
C VAL A 208 15.75 13.91 10.23
N VAL A 209 15.77 12.79 9.52
CA VAL A 209 15.34 11.51 10.06
C VAL A 209 16.52 10.56 10.03
N ASP A 210 16.46 9.53 10.86
CA ASP A 210 17.50 8.51 10.92
C ASP A 210 17.29 7.35 9.97
N GLY A 211 16.07 7.24 9.45
CA GLY A 211 15.75 6.18 8.51
C GLY A 211 14.32 6.30 8.05
N LEU A 212 13.84 5.23 7.45
CA LEU A 212 12.53 5.18 6.84
C LEU A 212 12.11 3.72 6.83
N GLU A 213 11.01 3.43 6.14
CA GLU A 213 10.55 2.06 6.06
C GLU A 213 9.85 1.88 4.73
N GLY A 214 10.03 0.70 4.15
CA GLY A 214 9.46 0.42 2.86
C GLY A 214 9.89 -0.92 2.33
N SER A 215 9.26 -1.33 1.24
CA SER A 215 9.56 -2.60 0.66
C SER A 215 10.86 -2.60 -0.12
N GLU A 216 11.35 -3.78 -0.45
CA GLU A 216 12.56 -3.87 -1.25
C GLU A 216 12.35 -3.30 -2.64
N PHE A 217 11.12 -3.31 -3.12
CA PHE A 217 10.81 -2.74 -4.43
C PHE A 217 10.90 -1.22 -4.40
N THR A 218 10.39 -0.61 -3.32
CA THR A 218 10.62 0.82 -3.11
C THR A 218 12.11 1.13 -2.98
N ASN A 219 12.83 0.32 -2.22
CA ASN A 219 14.25 0.52 -1.91
C ASN A 219 15.04 0.57 -3.21
N ILE A 220 14.90 -0.44 -4.05
CA ILE A 220 15.62 -0.48 -5.31
C ILE A 220 15.09 0.52 -6.34
N GLY A 221 13.77 0.70 -6.40
CA GLY A 221 13.15 1.52 -7.43
C GLY A 221 13.42 3.01 -7.29
N THR A 222 13.56 3.48 -6.05
CA THR A 222 13.85 4.87 -5.80
C THR A 222 15.31 5.08 -5.36
N LYS A 223 16.10 4.00 -5.41
CA LYS A 223 17.52 4.05 -5.08
C LYS A 223 17.79 4.57 -3.66
N VAL A 224 16.96 4.12 -2.71
CA VAL A 224 17.19 4.44 -1.30
C VAL A 224 18.60 4.00 -0.92
N TYR A 225 19.03 2.87 -1.49
CA TYR A 225 20.32 2.26 -1.16
C TYR A 225 21.53 3.12 -1.55
N GLU A 226 21.35 4.12 -2.42
CA GLU A 226 22.45 5.01 -2.80
C GLU A 226 22.73 6.02 -1.70
N GLY A 227 21.77 6.18 -0.79
CA GLY A 227 21.94 6.99 0.40
C GLY A 227 22.61 6.23 1.52
N PRO A 228 22.61 6.81 2.73
CA PRO A 228 23.38 6.22 3.84
C PRO A 228 22.71 5.02 4.50
N THR A 229 21.40 4.83 4.29
CA THR A 229 20.68 3.76 4.96
C THR A 229 20.68 2.48 4.13
N LYS A 230 21.61 1.59 4.46
CA LYS A 230 21.80 0.32 3.75
C LYS A 230 21.60 -0.90 4.64
N ASN A 231 20.99 -0.73 5.80
CA ASN A 231 20.56 -1.84 6.63
C ASN A 231 19.05 -2.00 6.59
N VAL A 232 18.60 -3.19 6.22
CA VAL A 232 17.17 -3.48 6.19
C VAL A 232 16.87 -4.53 7.25
N ALA A 233 15.96 -4.19 8.16
CA ALA A 233 15.45 -5.13 9.15
C ALA A 233 14.13 -5.67 8.65
N ASN A 234 14.04 -6.99 8.53
N ASN A 234 14.03 -6.99 8.58
CA ASN A 234 12.85 -7.66 8.00
CA ASN A 234 12.87 -7.68 8.03
C ASN A 234 11.69 -7.73 9.00
C ASN A 234 11.70 -7.73 9.02
N THR A 235 11.21 -6.56 9.39
CA THR A 235 10.08 -6.45 10.30
C THR A 235 8.75 -6.82 9.63
N ARG A 236 8.66 -6.59 8.33
CA ARG A 236 7.43 -6.83 7.56
C ARG A 236 6.23 -6.31 8.36
N HIS A 237 6.35 -5.07 8.84
CA HIS A 237 5.37 -4.57 9.78
C HIS A 237 4.04 -4.23 9.15
N ILE A 238 4.06 -3.86 7.86
CA ILE A 238 2.85 -3.55 7.11
C ILE A 238 3.03 -4.15 5.74
N LEU A 239 1.97 -4.74 5.20
CA LEU A 239 2.03 -5.19 3.81
C LEU A 239 1.63 -4.00 2.93
N GLY A 240 2.61 -3.42 2.26
CA GLY A 240 2.37 -2.30 1.37
C GLY A 240 1.54 -2.68 0.16
N THR A 241 0.41 -2.02 -0.01
CA THR A 241 -0.49 -2.32 -1.14
C THR A 241 -1.27 -1.05 -1.45
N CYS A 242 -1.46 -0.80 -2.75
CA CYS A 242 -2.36 0.26 -3.19
C CYS A 242 -3.73 -0.27 -3.53
N GLY A 243 -4.73 0.51 -3.16
CA GLY A 243 -6.05 0.41 -3.74
C GLY A 243 -6.21 1.42 -4.86
N VAL A 244 -7.31 1.27 -5.60
CA VAL A 244 -7.65 2.08 -6.76
C VAL A 244 -9.05 2.62 -6.54
N TYR A 245 -9.18 3.94 -6.49
CA TYR A 245 -10.40 4.59 -6.03
C TYR A 245 -10.91 5.56 -7.10
N ILE A 246 -12.23 5.55 -7.31
CA ILE A 246 -12.86 6.47 -8.23
C ILE A 246 -14.19 6.90 -7.59
N SER A 247 -14.66 8.11 -7.88
CA SER A 247 -15.90 8.57 -7.33
C SER A 247 -17.05 7.70 -7.78
N THR A 248 -17.95 7.34 -6.87
CA THR A 248 -19.17 6.64 -7.26
C THR A 248 -19.99 7.47 -8.26
N LYS A 249 -19.99 8.79 -8.11
CA LYS A 249 -20.78 9.63 -9.00
C LYS A 249 -20.28 9.54 -10.44
N VAL A 250 -18.96 9.52 -10.62
CA VAL A 250 -18.34 9.35 -11.92
C VAL A 250 -18.57 7.93 -12.42
N TRP A 251 -18.31 6.95 -11.56
CA TRP A 251 -18.46 5.55 -11.93
C TRP A 251 -19.87 5.23 -12.44
N ASN A 252 -20.87 5.73 -11.74
CA ASN A 252 -22.26 5.40 -12.04
C ASN A 252 -22.72 5.96 -13.37
N ASP A 253 -21.99 6.95 -13.90
CA ASP A 253 -22.32 7.50 -15.21
C ASP A 253 -21.63 6.78 -16.38
N ILE A 254 -20.74 5.85 -16.07
CA ILE A 254 -20.07 5.09 -17.11
C ILE A 254 -20.96 3.92 -17.57
N PRO A 255 -21.17 3.82 -18.89
CA PRO A 255 -21.97 2.69 -19.39
C PRO A 255 -21.45 1.34 -18.90
N ALA A 256 -22.36 0.42 -18.61
CA ALA A 256 -22.03 -0.88 -18.02
C ALA A 256 -20.95 -1.64 -18.78
N LYS A 257 -21.00 -1.59 -20.12
CA LYS A 257 -20.02 -2.32 -20.91
C LYS A 257 -18.60 -1.81 -20.63
N TYR A 258 -18.45 -0.51 -20.38
CA TYR A 258 -17.13 0.03 -20.07
C TYR A 258 -16.76 -0.17 -18.60
N GLN A 259 -17.74 -0.11 -17.70
CA GLN A 259 -17.49 -0.47 -16.30
C GLN A 259 -16.86 -1.85 -16.23
N LYS A 260 -17.41 -2.80 -16.98
CA LYS A 260 -16.91 -4.17 -16.89
C LYS A 260 -15.46 -4.27 -17.35
N ILE A 261 -15.14 -3.57 -18.44
CA ILE A 261 -13.77 -3.58 -18.94
C ILE A 261 -12.84 -2.91 -17.95
N ILE A 262 -13.23 -1.76 -17.42
CA ILE A 262 -12.38 -1.06 -16.45
C ILE A 262 -12.11 -1.98 -15.25
N GLN A 263 -13.17 -2.59 -14.73
CA GLN A 263 -13.04 -3.44 -13.56
C GLN A 263 -12.18 -4.66 -13.86
N ASP A 264 -12.45 -5.32 -14.98
CA ASP A 264 -11.68 -6.52 -15.33
C ASP A 264 -10.20 -6.18 -15.51
N GLU A 265 -9.91 -5.07 -16.15
CA GLU A 265 -8.52 -4.74 -16.40
C GLU A 265 -7.80 -4.34 -15.10
N PHE A 266 -8.47 -3.65 -14.19
CA PHE A 266 -7.82 -3.36 -12.90
C PHE A 266 -7.59 -4.63 -12.07
N THR A 267 -8.52 -5.57 -12.12
CA THR A 267 -8.34 -6.83 -11.41
C THR A 267 -7.18 -7.61 -12.03
N ASN A 268 -7.17 -7.73 -13.35
CA ASN A 268 -6.10 -8.45 -14.02
C ASN A 268 -4.74 -7.80 -13.75
N GLY A 269 -4.66 -6.48 -13.74
CA GLY A 269 -3.42 -5.78 -13.50
C GLY A 269 -2.89 -6.05 -12.10
N ALA A 270 -3.79 -6.13 -11.12
CA ALA A 270 -3.35 -6.43 -9.76
C ALA A 270 -2.78 -7.83 -9.68
N ASN A 271 -3.47 -8.79 -10.28
CA ASN A 271 -3.00 -10.16 -10.29
C ASN A 271 -1.61 -10.26 -10.89
N HIS A 272 -1.40 -9.56 -12.00
CA HIS A 272 -0.09 -9.56 -12.65
C HIS A 272 0.97 -8.93 -11.76
N MET A 273 0.66 -7.80 -11.13
CA MET A 273 1.67 -7.15 -10.27
C MET A 273 2.05 -8.04 -9.09
N VAL A 274 1.04 -8.65 -8.46
CA VAL A 274 1.27 -9.51 -7.31
C VAL A 274 2.18 -10.68 -7.71
N ASN A 275 1.83 -11.34 -8.81
CA ASN A 275 2.60 -12.49 -9.25
C ASN A 275 4.00 -12.10 -9.68
N LEU A 276 4.14 -10.96 -10.32
CA LEU A 276 5.45 -10.50 -10.76
C LEU A 276 6.38 -10.22 -9.57
N LEU A 277 5.90 -9.44 -8.61
CA LEU A 277 6.74 -9.09 -7.48
C LEU A 277 7.05 -10.31 -6.62
N LYS A 278 6.10 -11.23 -6.46
CA LYS A 278 6.40 -12.50 -5.78
C LYS A 278 7.62 -13.17 -6.42
N SER A 279 7.62 -13.20 -7.75
N SER A 279 7.66 -13.20 -7.75
CA SER A 279 8.67 -13.81 -8.55
CA SER A 279 8.75 -13.88 -8.44
C SER A 279 10.00 -13.09 -8.38
C SER A 279 10.06 -13.09 -8.41
N GLN A 280 9.96 -11.77 -8.38
CA GLN A 280 11.16 -10.94 -8.44
C GLN A 280 11.87 -10.80 -7.11
N HIS A 281 11.16 -11.04 -6.01
CA HIS A 281 11.69 -10.61 -4.72
C HIS A 281 13.08 -11.17 -4.40
N GLY A 282 13.31 -12.45 -4.68
CA GLY A 282 14.61 -13.02 -4.39
C GLY A 282 15.73 -12.33 -5.15
N GLY A 283 15.49 -12.09 -6.43
CA GLY A 283 16.44 -11.37 -7.26
C GLY A 283 16.68 -9.94 -6.79
N VAL A 284 15.62 -9.24 -6.40
CA VAL A 284 15.77 -7.88 -5.92
C VAL A 284 16.64 -7.85 -4.66
N VAL A 285 16.41 -8.78 -3.76
CA VAL A 285 17.23 -8.87 -2.56
C VAL A 285 18.70 -9.08 -2.92
N LYS A 286 18.96 -10.00 -3.85
CA LYS A 286 20.35 -10.24 -4.27
C LYS A 286 20.97 -9.01 -4.91
N GLU A 287 20.20 -8.30 -5.73
CA GLU A 287 20.73 -7.11 -6.36
C GLU A 287 21.02 -6.03 -5.32
N LEU A 288 20.11 -5.83 -4.37
CA LEU A 288 20.36 -4.86 -3.29
C LEU A 288 21.61 -5.27 -2.50
N GLU A 289 21.74 -6.55 -2.20
CA GLU A 289 22.92 -7.03 -1.50
C GLU A 289 24.21 -6.69 -2.27
N SER A 290 24.15 -6.77 -3.59
CA SER A 290 25.32 -6.45 -4.43
C SER A 290 25.70 -4.98 -4.36
N TYR A 291 24.76 -4.14 -3.91
CA TYR A 291 25.00 -2.71 -3.76
C TYR A 291 25.37 -2.37 -2.33
N GLY A 292 25.53 -3.38 -1.49
CA GLY A 292 25.97 -3.19 -0.13
C GLY A 292 24.87 -3.19 0.92
N VAL A 293 23.65 -3.49 0.52
CA VAL A 293 22.56 -3.55 1.48
C VAL A 293 22.66 -4.84 2.29
N LYS A 294 22.46 -4.72 3.59
CA LYS A 294 22.54 -5.86 4.49
C LYS A 294 21.21 -6.08 5.17
N PHE A 295 20.69 -7.29 5.00
CA PHE A 295 19.38 -7.65 5.55
C PHE A 295 19.57 -8.42 6.84
N ASN A 296 18.72 -8.17 7.83
CA ASN A 296 18.68 -8.97 9.04
C ASN A 296 17.26 -9.28 9.47
N GLU A 297 17.12 -10.43 10.11
CA GLU A 297 15.87 -10.83 10.72
C GLU A 297 15.70 -10.14 12.07
N VAL A 298 14.46 -10.14 12.54
CA VAL A 298 14.13 -9.50 13.80
C VAL A 298 13.44 -10.49 14.73
N ASP A 299 13.25 -10.04 15.96
CA ASP A 299 12.49 -10.79 16.94
C ASP A 299 11.01 -10.50 16.65
N GLY A 300 10.42 -11.34 15.81
CA GLY A 300 9.07 -11.13 15.36
C GLY A 300 8.05 -11.05 16.48
N ASP A 301 8.16 -11.96 17.46
CA ASP A 301 7.24 -11.97 18.59
C ASP A 301 7.33 -10.69 19.40
N ALA A 302 8.54 -10.15 19.56
CA ALA A 302 8.70 -8.91 20.29
C ALA A 302 7.97 -7.75 19.58
N PHE A 303 8.09 -7.68 18.27
CA PHE A 303 7.39 -6.63 17.52
C PHE A 303 5.89 -6.89 17.55
N ARG A 304 5.47 -8.15 17.45
CA ARG A 304 4.05 -8.46 17.49
C ARG A 304 3.44 -8.03 18.83
N ALA A 305 4.15 -8.26 19.93
CA ALA A 305 3.65 -7.86 21.24
C ALA A 305 3.52 -6.34 21.36
N ALA A 306 4.51 -5.62 20.84
CA ALA A 306 4.46 -4.16 20.86
C ALA A 306 3.28 -3.60 20.06
N LEU A 307 2.88 -4.31 19.02
CA LEU A 307 1.84 -3.82 18.10
C LEU A 307 0.43 -4.28 18.46
N LYS A 308 0.31 -5.34 19.25
CA LYS A 308 -1.01 -5.89 19.54
C LYS A 308 -2.02 -4.85 20.07
N PRO A 309 -1.58 -3.89 20.88
CA PRO A 309 -2.54 -2.91 21.39
C PRO A 309 -3.22 -2.07 20.30
N LEU A 310 -2.70 -2.10 19.09
CA LEU A 310 -3.27 -1.32 18.00
C LEU A 310 -4.50 -1.97 17.38
N TYR A 311 -4.79 -3.21 17.75
CA TYR A 311 -5.96 -3.91 17.21
C TYR A 311 -7.23 -3.57 18.00
N LYS A 312 -7.47 -2.28 18.18
CA LYS A 312 -8.60 -1.81 18.96
C LYS A 312 -9.55 -1.03 18.06
N GLU A 313 -10.85 -1.25 18.24
CA GLU A 313 -11.85 -0.57 17.44
C GLU A 313 -11.84 0.94 17.63
N GLN A 314 -11.89 1.65 16.52
CA GLN A 314 -12.02 3.09 16.52
C GLN A 314 -13.44 3.46 16.13
N LYS A 315 -13.81 4.70 16.41
CA LYS A 315 -15.12 5.21 16.09
C LYS A 315 -15.41 5.01 14.60
N GLY A 316 -16.63 4.59 14.29
CA GLY A 316 -17.03 4.37 12.92
C GLY A 316 -16.68 3.01 12.34
N MET A 317 -15.94 2.19 13.10
CA MET A 317 -15.67 0.83 12.65
C MET A 317 -16.86 -0.06 12.91
N THR A 318 -16.96 -1.12 12.13
CA THR A 318 -17.97 -2.14 12.37
C THR A 318 -17.61 -2.93 13.63
N PRO A 319 -18.56 -3.07 14.55
CA PRO A 319 -18.27 -3.86 15.76
C PRO A 319 -17.72 -5.24 15.39
N GLY A 320 -16.62 -5.61 16.02
CA GLY A 320 -16.02 -6.91 15.81
C GLY A 320 -15.17 -7.05 14.57
N ILE A 321 -14.85 -5.95 13.91
CA ILE A 321 -14.14 -6.03 12.63
C ILE A 321 -12.79 -6.74 12.73
N TYR A 322 -12.03 -6.49 13.79
CA TYR A 322 -10.72 -7.14 13.93
C TYR A 322 -10.92 -8.64 14.14
N GLN A 323 -11.87 -8.99 14.98
CA GLN A 323 -12.16 -10.39 15.21
C GLN A 323 -12.59 -11.08 13.90
N SER A 324 -13.35 -10.37 13.08
CA SER A 324 -13.78 -10.94 11.81
C SER A 324 -12.58 -11.16 10.88
N ILE A 325 -11.66 -10.21 10.83
CA ILE A 325 -10.46 -10.37 10.03
C ILE A 325 -9.62 -11.54 10.54
N PHE A 326 -9.41 -11.61 11.84
CA PHE A 326 -8.61 -12.69 12.44
C PHE A 326 -9.22 -14.05 12.13
N LYS A 327 -10.55 -14.13 12.18
CA LYS A 327 -11.25 -15.38 11.91
C LYS A 327 -10.97 -15.87 10.49
N GLU A 328 -11.02 -14.95 9.53
CA GLU A 328 -10.74 -15.29 8.14
C GLU A 328 -9.30 -15.77 7.96
N LEU A 329 -8.36 -15.02 8.52
CA LEU A 329 -6.94 -15.38 8.39
C LEU A 329 -6.65 -16.73 9.05
N ASP A 330 -7.18 -16.92 10.25
CA ASP A 330 -7.00 -18.19 10.96
C ASP A 330 -7.55 -19.36 10.14
N ALA A 331 -8.70 -19.17 9.51
CA ALA A 331 -9.30 -20.25 8.72
C ALA A 331 -8.47 -20.57 7.47
N MET A 332 -7.98 -19.54 6.78
CA MET A 332 -7.20 -19.82 5.58
C MET A 332 -5.88 -20.51 5.94
N ARG A 333 -5.27 -20.11 7.06
CA ARG A 333 -4.04 -20.75 7.53
C ARG A 333 -4.29 -22.20 7.93
N ALA A 334 -5.41 -22.44 8.60
CA ALA A 334 -5.75 -23.78 9.06
C ALA A 334 -5.94 -24.71 7.86
N GLU A 335 -6.66 -24.23 6.85
CA GLU A 335 -6.91 -25.01 5.64
C GLU A 335 -5.62 -25.27 4.87
N ASN A 336 -4.78 -24.26 4.72
CA ASN A 336 -3.48 -24.45 4.08
C ASN A 336 -2.65 -25.52 4.79
N LEU A 337 -2.60 -25.44 6.11
CA LEU A 337 -1.83 -26.40 6.90
C LEU A 337 -2.38 -27.82 6.68
N TYR A 338 -3.70 -27.94 6.62
CA TYR A 338 -4.35 -29.23 6.50
C TYR A 338 -4.02 -29.89 5.16
N PHE A 339 -4.07 -29.11 4.08
CA PHE A 339 -3.82 -29.64 2.73
C PHE A 339 -2.35 -29.54 2.33
O3 X3X B . -0.30 5.41 -0.61
C3 X3X B . 0.77 4.92 -1.42
C2 X3X B . 1.92 4.27 -0.63
O2 X3X B . 1.47 3.37 0.34
C1 X3X B . 2.75 5.34 0.00
O1 X3X B . 4.02 4.81 0.47
PAO X3X B . 5.28 5.80 0.46
OAF X3X B . 4.83 7.21 0.70
OAA X3X B . 6.21 5.23 1.39
O6 X3X B . 5.81 5.75 -0.99
C6 X3X B . 6.30 4.49 -1.50
C5 X3X B . 7.36 4.69 -2.56
O5 X3X B . 7.57 3.43 -3.22
C4 X3X B . 7.10 5.84 -3.55
O4 X3X B . 8.08 6.01 -4.60
#